data_3K11
#
_entry.id   3K11
#
_cell.length_a   121.135
_cell.length_b   121.135
_cell.length_c   182.812
_cell.angle_alpha   90.000
_cell.angle_beta   90.000
_cell.angle_gamma   120.000
#
_symmetry.space_group_name_H-M   'P 63 2 2'
#
loop_
_entity.id
_entity.type
_entity.pdbx_description
1 polymer 'Putative glycosyl hydrolase'
2 non-polymer 1,2-ETHANEDIOL
3 non-polymer '2-(N-MORPHOLINO)-ETHANESULFONIC ACID'
4 water water
#
_entity_poly.entity_id   1
_entity_poly.type   'polypeptide(L)'
_entity_poly.pdbx_seq_one_letter_code
;GKKAVINDSNTPLHLLQPAYQGTYGDLTPEQVKKDIDRVFAYIDKETPARVVDKNTGKVITDYTA(MSE)GDEAQLERGA
FRLASYEWGVTYSALIAAAETTGDKRYTDYVQNRFRFLAEVAPHFKRVYEEKGKTDSQLLQILTPHALDDAGAVCTA
(MSE)IKLRLKDESLPVDGLIQNYFDFIINKEYRLADGTFARNRPQRNTLWLDD(MSE)F(MSE)GIPAVAQ(MSE)SRY
DKEAKNKYLAEAVKQFLQFADR(MSE)FIPEKGLYRHGWVESSTDHPAFCWARANGWALLTACELLDVLPEDYPQRPKV
(MSE)DYFRAHVRGVTALQSGEGFWHQLLDCNDSYLETSATAIYVYCLAHAINKGWIDAIAYGPVAQLGWHAVAGKINEE
GQVEGTCVGTG(MSE)AFDPAFYYYRPVNVYAAHGYGPVLWAGAE(MSE)IRLLNTQHPQ(MSE)NDSAVQYYQEKQKTT
APIFAVDSE
;
_entity_poly.pdbx_strand_id   A
#
# COMPACT_ATOMS: atom_id res chain seq x y z
N ILE A 6 17.15 -14.21 -43.81
CA ILE A 6 16.06 -13.56 -43.00
C ILE A 6 15.67 -12.19 -43.60
N ASN A 7 14.59 -12.17 -44.37
CA ASN A 7 14.10 -10.93 -44.99
C ASN A 7 12.55 -10.93 -45.05
N ASP A 8 11.96 -9.94 -45.75
CA ASP A 8 10.46 -9.78 -45.80
C ASP A 8 9.75 -11.01 -46.49
N SER A 9 10.40 -11.60 -47.49
CA SER A 9 9.83 -12.73 -48.21
C SER A 9 9.90 -14.07 -47.45
N ASN A 10 10.99 -14.29 -46.70
CA ASN A 10 11.20 -15.59 -46.05
C ASN A 10 11.07 -15.60 -44.52
N THR A 11 10.81 -14.44 -43.90
CA THR A 11 10.65 -14.35 -42.44
C THR A 11 9.45 -13.49 -42.02
N PRO A 12 8.72 -13.96 -40.95
CA PRO A 12 7.76 -13.12 -40.23
C PRO A 12 8.57 -12.23 -39.27
N LEU A 13 9.02 -11.11 -39.81
CA LEU A 13 9.79 -10.11 -39.04
C LEU A 13 8.92 -9.63 -37.85
N HIS A 14 7.60 -9.60 -38.06
CA HIS A 14 6.62 -9.23 -37.02
C HIS A 14 6.53 -10.19 -35.82
N LEU A 15 7.13 -11.37 -35.94
CA LEU A 15 7.18 -12.35 -34.85
C LEU A 15 8.58 -12.43 -34.22
N LEU A 16 9.55 -11.59 -34.64
CA LEU A 16 10.91 -11.52 -34.01
C LEU A 16 10.84 -11.19 -32.53
N GLN A 17 11.73 -11.82 -31.75
CA GLN A 17 11.75 -11.63 -30.31
C GLN A 17 12.28 -10.22 -29.97
N PRO A 18 11.44 -9.38 -29.35
CA PRO A 18 11.93 -8.08 -28.89
C PRO A 18 12.97 -8.17 -27.78
N ALA A 19 13.89 -7.22 -27.75
CA ALA A 19 14.99 -7.23 -26.82
C ALA A 19 14.61 -6.52 -25.53
N TYR A 20 13.62 -7.03 -24.81
CA TYR A 20 13.20 -6.40 -23.53
C TYR A 20 14.34 -6.39 -22.55
N GLN A 21 14.38 -5.37 -21.70
CA GLN A 21 15.37 -5.26 -20.67
C GLN A 21 14.91 -6.05 -19.46
N GLY A 22 13.63 -5.94 -19.12
CA GLY A 22 13.02 -6.75 -18.07
C GLY A 22 12.24 -7.91 -18.68
N THR A 23 11.40 -8.57 -17.88
N THR A 23 11.37 -8.52 -17.87
CA THR A 23 10.60 -9.67 -18.41
CA THR A 23 10.55 -9.64 -18.33
C THR A 23 9.29 -9.12 -18.99
C THR A 23 9.27 -9.09 -19.01
N TYR A 24 8.71 -9.86 -19.94
CA TYR A 24 7.47 -9.47 -20.61
C TYR A 24 6.71 -10.75 -20.93
N GLY A 25 5.38 -10.67 -20.94
CA GLY A 25 4.58 -11.75 -21.48
C GLY A 25 3.88 -12.57 -20.41
N ASP A 26 3.86 -13.86 -20.67
CA ASP A 26 3.19 -14.80 -19.79
C ASP A 26 3.66 -14.69 -18.35
N LEU A 27 2.71 -14.90 -17.44
CA LEU A 27 2.92 -14.88 -16.03
C LEU A 27 1.99 -15.95 -15.44
N THR A 28 2.49 -16.82 -14.58
CA THR A 28 1.65 -17.84 -13.92
C THR A 28 1.44 -17.43 -12.47
N PRO A 29 0.31 -17.81 -11.90
CA PRO A 29 0.15 -17.52 -10.48
C PRO A 29 1.20 -18.22 -9.61
N GLU A 30 1.69 -19.37 -10.05
CA GLU A 30 2.77 -20.05 -9.32
C GLU A 30 4.05 -19.21 -9.28
N GLN A 31 4.42 -18.59 -10.39
N GLN A 31 4.38 -18.59 -10.42
CA GLN A 31 5.61 -17.76 -10.36
CA GLN A 31 5.52 -17.66 -10.54
C GLN A 31 5.37 -16.56 -9.42
C GLN A 31 5.41 -16.44 -9.61
N VAL A 32 4.22 -15.90 -9.51
CA VAL A 32 3.94 -14.76 -8.65
C VAL A 32 4.06 -15.22 -7.21
N LYS A 33 3.48 -16.38 -6.90
CA LYS A 33 3.53 -16.85 -5.51
C LYS A 33 4.97 -17.13 -5.05
N LYS A 34 5.79 -17.69 -5.93
CA LYS A 34 7.19 -17.94 -5.61
C LYS A 34 7.90 -16.63 -5.21
N ASP A 35 7.58 -15.57 -5.92
CA ASP A 35 8.21 -14.29 -5.66
C ASP A 35 7.73 -13.63 -4.38
N ILE A 36 6.42 -13.61 -4.14
CA ILE A 36 5.96 -13.06 -2.85
C ILE A 36 6.41 -13.93 -1.69
N ASP A 37 6.53 -15.23 -1.89
CA ASP A 37 7.05 -16.13 -0.83
C ASP A 37 8.50 -15.77 -0.47
N ARG A 38 9.30 -15.36 -1.46
CA ARG A 38 10.68 -14.93 -1.22
C ARG A 38 10.73 -13.65 -0.38
N VAL A 39 9.85 -12.70 -0.72
CA VAL A 39 9.76 -11.47 0.07
C VAL A 39 9.25 -11.80 1.48
N PHE A 40 8.23 -12.65 1.57
CA PHE A 40 7.67 -13.00 2.85
C PHE A 40 8.70 -13.67 3.76
N ALA A 41 9.46 -14.61 3.21
CA ALA A 41 10.46 -15.33 4.05
C ALA A 41 11.47 -14.33 4.58
N TYR A 42 11.87 -13.40 3.74
CA TYR A 42 12.81 -12.39 4.15
C TYR A 42 12.28 -11.50 5.27
N ILE A 43 11.09 -10.95 5.10
CA ILE A 43 10.59 -10.00 6.09
C ILE A 43 10.26 -10.70 7.41
N ASP A 44 9.91 -11.97 7.32
CA ASP A 44 9.56 -12.75 8.51
C ASP A 44 10.75 -12.74 9.50
N LYS A 45 11.94 -13.07 8.96
N LYS A 45 11.94 -13.06 9.03
CA LYS A 45 13.19 -13.09 9.78
CA LYS A 45 13.10 -13.05 9.92
C LYS A 45 13.72 -11.71 10.17
C LYS A 45 13.47 -11.65 10.37
N GLU A 46 13.27 -10.66 9.50
CA GLU A 46 13.66 -9.29 9.80
C GLU A 46 12.69 -8.47 10.61
N THR A 47 11.63 -9.12 11.11
CA THR A 47 10.64 -8.47 11.95
C THR A 47 10.38 -9.30 13.20
N PRO A 48 11.42 -9.49 14.02
CA PRO A 48 11.28 -10.35 15.21
C PRO A 48 10.25 -9.83 16.20
N ALA A 49 9.44 -10.72 16.73
CA ALA A 49 8.44 -10.35 17.72
C ALA A 49 8.95 -10.75 19.09
N ARG A 50 9.94 -10.03 19.60
CA ARG A 50 10.50 -10.32 20.92
C ARG A 50 10.90 -9.04 21.59
N VAL A 51 10.97 -9.11 22.91
CA VAL A 51 11.51 -8.04 23.75
C VAL A 51 12.91 -8.45 24.17
N VAL A 52 13.87 -7.52 24.07
CA VAL A 52 15.23 -7.81 24.48
C VAL A 52 15.77 -6.65 25.31
N ASP A 53 16.85 -6.92 26.04
CA ASP A 53 17.61 -5.90 26.72
C ASP A 53 18.36 -5.09 25.66
N LYS A 54 18.18 -3.78 25.70
CA LYS A 54 18.73 -2.92 24.68
C LYS A 54 20.25 -2.87 24.66
N ASN A 55 20.88 -3.24 25.77
CA ASN A 55 22.32 -3.25 25.85
C ASN A 55 22.94 -4.55 25.45
N THR A 56 22.35 -5.66 25.89
CA THR A 56 23.02 -6.95 25.67
C THR A 56 22.39 -7.77 24.53
N GLY A 57 21.14 -7.44 24.18
CA GLY A 57 20.34 -8.21 23.23
C GLY A 57 19.74 -9.47 23.87
N LYS A 58 19.93 -9.70 25.15
CA LYS A 58 19.36 -10.87 25.81
C LYS A 58 17.83 -10.81 25.79
N VAL A 59 17.19 -11.94 25.48
CA VAL A 59 15.73 -12.00 25.38
C VAL A 59 15.13 -11.85 26.75
N ILE A 60 14.13 -10.99 26.86
CA ILE A 60 13.40 -10.73 28.08
C ILE A 60 12.05 -11.43 27.92
N THR A 61 11.68 -12.25 28.89
CA THR A 61 10.38 -12.91 28.88
C THR A 61 9.53 -12.53 30.12
N ASP A 62 10.14 -12.03 31.20
CA ASP A 62 9.37 -11.59 32.36
C ASP A 62 8.99 -10.13 32.20
N TYR A 63 7.89 -9.92 31.51
CA TYR A 63 7.44 -8.60 31.19
C TYR A 63 6.98 -7.81 32.40
N THR A 64 6.51 -8.49 33.44
N THR A 64 6.51 -8.49 33.43
CA THR A 64 6.00 -7.79 34.61
CA THR A 64 5.99 -7.78 34.59
C THR A 64 7.15 -7.15 35.36
C THR A 64 7.13 -7.23 35.44
N ALA A 65 8.33 -7.76 35.26
CA ALA A 65 9.54 -7.31 35.95
C ALA A 65 10.43 -6.33 35.18
N GLY A 67 12.11 -3.17 32.96
CA GLY A 67 12.24 -1.71 33.11
C GLY A 67 12.60 -1.03 31.82
N ASP A 68 13.27 0.12 31.92
N ASP A 68 13.27 0.12 31.92
CA ASP A 68 13.57 0.94 30.74
CA ASP A 68 13.60 0.94 30.76
C ASP A 68 14.73 0.38 29.86
C ASP A 68 14.64 0.31 29.81
N GLU A 69 15.26 -0.77 30.23
CA GLU A 69 16.25 -1.48 29.40
C GLU A 69 15.56 -2.25 28.28
N ALA A 70 14.26 -2.54 28.41
CA ALA A 70 13.54 -3.39 27.44
C ALA A 70 13.21 -2.63 26.17
N GLN A 71 13.38 -3.30 25.01
CA GLN A 71 12.94 -2.75 23.76
C GLN A 71 12.51 -3.91 22.86
N LEU A 72 11.76 -3.60 21.83
CA LEU A 72 11.47 -4.59 20.80
C LEU A 72 12.79 -4.87 20.09
N GLU A 73 13.07 -6.14 19.83
CA GLU A 73 14.28 -6.51 19.11
C GLU A 73 14.32 -5.81 17.76
N ARG A 74 15.45 -5.22 17.40
CA ARG A 74 15.50 -4.47 16.18
C ARG A 74 15.87 -5.37 15.01
N GLY A 75 14.93 -5.65 14.15
CA GLY A 75 15.20 -6.29 12.86
C GLY A 75 15.33 -5.18 11.84
N ALA A 76 15.31 -5.49 10.55
CA ALA A 76 15.47 -4.44 9.53
C ALA A 76 14.26 -3.54 9.45
N PHE A 77 13.08 -4.02 9.83
CA PHE A 77 11.86 -3.23 9.69
C PHE A 77 11.08 -3.15 11.00
N ARG A 78 10.51 -1.96 11.28
N ARG A 78 10.49 -1.99 11.26
CA ARG A 78 9.74 -1.70 12.50
CA ARG A 78 9.79 -1.76 12.51
C ARG A 78 8.39 -2.36 12.37
C ARG A 78 8.35 -2.26 12.41
N LEU A 79 7.91 -2.97 13.45
CA LEU A 79 6.62 -3.67 13.46
C LEU A 79 5.37 -2.81 13.38
N ALA A 80 5.45 -1.56 13.82
CA ALA A 80 4.26 -0.73 13.90
C ALA A 80 4.41 0.59 13.23
N SER A 81 5.25 0.64 12.19
CA SER A 81 5.34 1.81 11.38
C SER A 81 4.14 1.80 10.41
N TYR A 82 3.84 2.92 9.75
CA TYR A 82 2.73 2.88 8.80
C TYR A 82 3.06 1.97 7.63
N GLU A 83 4.35 1.90 7.28
CA GLU A 83 4.80 0.96 6.23
C GLU A 83 4.40 -0.45 6.56
N TRP A 84 4.56 -0.83 7.83
CA TRP A 84 4.19 -2.20 8.18
C TRP A 84 2.67 -2.36 8.31
N GLY A 85 1.95 -1.27 8.63
CA GLY A 85 0.49 -1.29 8.54
C GLY A 85 0.09 -1.76 7.13
N VAL A 86 0.79 -1.26 6.13
CA VAL A 86 0.50 -1.72 4.77
C VAL A 86 0.82 -3.20 4.61
N THR A 87 1.96 -3.63 5.15
CA THR A 87 2.36 -5.04 5.06
C THR A 87 1.32 -5.94 5.70
N TYR A 88 0.80 -5.54 6.86
CA TYR A 88 -0.22 -6.37 7.51
C TYR A 88 -1.48 -6.51 6.65
N SER A 89 -1.96 -5.41 6.09
CA SER A 89 -3.13 -5.46 5.18
C SER A 89 -2.85 -6.32 3.97
N ALA A 90 -1.65 -6.18 3.41
CA ALA A 90 -1.22 -7.01 2.27
C ALA A 90 -1.31 -8.50 2.55
N LEU A 91 -0.79 -8.90 3.71
CA LEU A 91 -0.76 -10.33 4.10
C LEU A 91 -2.12 -10.89 4.43
N ILE A 92 -3.00 -10.07 5.01
CA ILE A 92 -4.40 -10.47 5.20
C ILE A 92 -4.99 -10.78 3.82
N ALA A 93 -4.73 -9.91 2.86
CA ALA A 93 -5.25 -10.12 1.52
C ALA A 93 -4.62 -11.33 0.86
N ALA A 94 -3.30 -11.49 1.01
CA ALA A 94 -2.60 -12.61 0.39
C ALA A 94 -3.11 -13.96 0.93
N ALA A 95 -3.45 -14.02 2.22
CA ALA A 95 -3.96 -15.27 2.78
C ALA A 95 -5.24 -15.63 2.04
N GLU A 96 -6.03 -14.62 1.69
CA GLU A 96 -7.32 -14.86 1.05
C GLU A 96 -7.18 -15.28 -0.41
N THR A 97 -6.31 -14.63 -1.18
CA THR A 97 -6.23 -14.99 -2.59
C THR A 97 -5.43 -16.26 -2.88
N THR A 98 -4.57 -16.66 -1.94
CA THR A 98 -3.70 -17.82 -2.13
C THR A 98 -4.09 -19.00 -1.28
N GLY A 99 -4.79 -18.74 -0.18
CA GLY A 99 -5.10 -19.77 0.77
C GLY A 99 -3.93 -20.18 1.65
N ASP A 100 -2.81 -19.48 1.59
CA ASP A 100 -1.64 -19.80 2.39
C ASP A 100 -1.84 -19.12 3.76
N LYS A 101 -2.15 -19.92 4.77
CA LYS A 101 -2.42 -19.40 6.12
C LYS A 101 -1.19 -18.87 6.82
N ARG A 102 0.00 -19.18 6.30
CA ARG A 102 1.22 -18.64 6.89
C ARG A 102 1.18 -17.11 6.91
N TYR A 103 0.57 -16.54 5.87
CA TYR A 103 0.50 -15.09 5.76
C TYR A 103 -0.31 -14.47 6.91
N THR A 104 -1.47 -15.04 7.20
CA THR A 104 -2.25 -14.53 8.32
C THR A 104 -1.67 -14.97 9.67
N ASP A 105 -1.00 -16.12 9.72
CA ASP A 105 -0.31 -16.53 10.96
C ASP A 105 0.70 -15.46 11.38
N TYR A 106 1.40 -14.91 10.40
CA TYR A 106 2.35 -13.84 10.66
C TYR A 106 1.69 -12.63 11.30
N VAL A 107 0.56 -12.21 10.74
CA VAL A 107 -0.13 -11.03 11.23
C VAL A 107 -0.69 -11.32 12.60
N GLN A 108 -1.32 -12.48 12.74
CA GLN A 108 -1.81 -12.91 14.06
C GLN A 108 -0.69 -12.82 15.11
N ASN A 109 0.46 -13.38 14.78
CA ASN A 109 1.56 -13.44 15.72
C ASN A 109 2.04 -12.06 16.13
N ARG A 110 2.25 -11.19 15.14
CA ARG A 110 2.74 -9.82 15.45
C ARG A 110 1.72 -9.00 16.23
N PHE A 111 0.46 -9.08 15.82
CA PHE A 111 -0.60 -8.35 16.54
C PHE A 111 -0.82 -8.86 17.95
N ARG A 112 -0.78 -10.16 18.14
CA ARG A 112 -0.96 -10.71 19.49
C ARG A 112 0.23 -10.31 20.40
N PHE A 113 1.43 -10.25 19.82
CA PHE A 113 2.63 -9.87 20.53
C PHE A 113 2.52 -8.42 20.94
N LEU A 114 2.16 -7.54 20.02
CA LEU A 114 2.02 -6.13 20.37
C LEU A 114 0.94 -5.92 21.44
N ALA A 115 -0.19 -6.63 21.31
CA ALA A 115 -1.28 -6.56 22.32
C ALA A 115 -0.81 -7.02 23.70
N GLU A 116 0.00 -8.06 23.70
CA GLU A 116 0.50 -8.61 24.93
C GLU A 116 1.46 -7.64 25.61
N VAL A 117 2.41 -7.09 24.85
CA VAL A 117 3.49 -6.31 25.49
C VAL A 117 3.15 -4.85 25.72
N ALA A 118 2.23 -4.29 24.95
CA ALA A 118 1.92 -2.86 25.05
C ALA A 118 1.62 -2.38 26.48
N PRO A 119 0.76 -3.09 27.19
CA PRO A 119 0.46 -2.71 28.59
C PRO A 119 1.66 -2.71 29.53
N HIS A 120 2.61 -3.61 29.31
CA HIS A 120 3.81 -3.66 30.15
C HIS A 120 4.71 -2.49 29.86
N PHE A 121 4.88 -2.16 28.59
CA PHE A 121 5.67 -1.00 28.25
C PHE A 121 5.02 0.30 28.74
N LYS A 122 3.69 0.36 28.73
CA LYS A 122 2.96 1.49 29.31
C LYS A 122 3.29 1.64 30.79
N ARG A 123 3.33 0.52 31.51
N ARG A 123 3.30 0.52 31.55
CA ARG A 123 3.69 0.52 32.94
CA ARG A 123 3.72 0.58 32.94
C ARG A 123 5.14 0.99 33.16
C ARG A 123 5.10 1.19 33.01
N VAL A 124 6.04 0.60 32.27
CA VAL A 124 7.43 1.08 32.35
C VAL A 124 7.46 2.59 32.10
N TYR A 125 6.72 3.04 31.11
CA TYR A 125 6.72 4.44 30.80
C TYR A 125 6.18 5.27 31.99
N GLU A 126 5.10 4.78 32.59
CA GLU A 126 4.49 5.43 33.73
C GLU A 126 5.42 5.45 34.95
N GLU A 127 6.09 4.33 35.22
CA GLU A 127 6.99 4.27 36.34
C GLU A 127 8.32 4.96 36.14
N LYS A 128 8.91 4.84 34.95
CA LYS A 128 10.29 5.32 34.73
C LYS A 128 10.37 6.62 33.97
N GLY A 129 9.27 7.04 33.35
CA GLY A 129 9.26 8.25 32.57
C GLY A 129 9.84 8.10 31.18
N LYS A 130 10.28 6.89 30.83
CA LYS A 130 10.85 6.66 29.53
C LYS A 130 10.70 5.19 29.16
N THR A 131 10.59 4.93 27.84
CA THR A 131 10.57 3.58 27.33
C THR A 131 11.01 3.55 25.86
N ASP A 132 10.90 2.37 25.26
CA ASP A 132 11.22 2.19 23.82
C ASP A 132 10.43 3.19 22.99
N SER A 133 11.12 4.01 22.23
CA SER A 133 10.46 4.95 21.33
C SER A 133 9.45 4.28 20.39
N GLN A 134 9.66 3.00 20.05
CA GLN A 134 8.70 2.31 19.18
C GLN A 134 7.39 2.11 19.90
N LEU A 135 7.46 1.93 21.22
CA LEU A 135 6.26 1.79 22.00
C LEU A 135 5.54 3.11 22.21
N LEU A 136 6.28 4.19 22.26
CA LEU A 136 5.65 5.49 22.38
C LEU A 136 4.82 5.83 21.12
N GLN A 137 5.20 5.27 19.98
CA GLN A 137 4.47 5.50 18.75
C GLN A 137 3.11 4.81 18.86
N ILE A 138 3.13 3.61 19.41
CA ILE A 138 1.92 2.78 19.56
C ILE A 138 1.05 3.35 20.64
N LEU A 139 1.65 3.72 21.77
CA LEU A 139 0.86 4.14 22.94
C LEU A 139 0.39 5.59 22.88
N THR A 140 1.22 6.45 22.34
CA THR A 140 0.95 7.86 22.29
C THR A 140 1.23 8.38 20.87
N PRO A 141 0.39 7.95 19.90
CA PRO A 141 0.58 8.45 18.55
C PRO A 141 0.38 9.96 18.51
N HIS A 142 1.14 10.64 17.65
CA HIS A 142 1.01 12.07 17.47
C HIS A 142 0.69 12.52 16.06
N ALA A 143 0.51 11.60 15.11
CA ALA A 143 0.25 11.92 13.71
C ALA A 143 -0.44 10.72 13.12
N LEU A 144 -1.19 10.91 12.04
CA LEU A 144 -1.86 9.79 11.41
C LEU A 144 -0.89 8.67 10.98
N ASP A 145 0.35 9.06 10.66
N ASP A 145 0.33 9.04 10.62
CA ASP A 145 1.47 8.13 10.36
CA ASP A 145 1.35 8.05 10.24
C ASP A 145 1.76 7.15 11.44
C ASP A 145 1.89 7.26 11.45
N ASP A 146 1.40 7.54 12.66
CA ASP A 146 1.65 6.70 13.86
C ASP A 146 0.51 5.76 14.13
N ALA A 147 -0.60 5.83 13.36
CA ALA A 147 -1.83 5.13 13.76
C ALA A 147 -2.64 4.48 12.68
N GLY A 148 -2.88 5.20 11.59
CA GLY A 148 -3.94 4.76 10.66
C GLY A 148 -3.83 3.43 9.95
N ALA A 149 -2.71 3.25 9.25
CA ALA A 149 -2.47 2.04 8.47
C ALA A 149 -2.48 0.80 9.35
N VAL A 150 -1.86 0.91 10.53
CA VAL A 150 -1.82 -0.22 11.49
C VAL A 150 -3.19 -0.50 12.08
N CYS A 151 -3.87 0.55 12.53
CA CYS A 151 -5.23 0.43 13.04
C CYS A 151 -6.15 -0.24 12.01
N THR A 152 -6.03 0.18 10.75
CA THR A 152 -6.84 -0.38 9.67
C THR A 152 -6.68 -1.88 9.60
N ALA A 153 -5.43 -2.34 9.54
CA ALA A 153 -5.16 -3.79 9.48
C ALA A 153 -5.67 -4.56 10.70
N ILE A 155 -8.25 -3.73 12.65
CA ILE A 155 -9.72 -3.85 12.46
C ILE A 155 -10.06 -4.97 11.47
N LYS A 156 -9.39 -5.00 10.33
CA LYS A 156 -9.64 -6.00 9.33
C LYS A 156 -9.49 -7.42 9.87
N LEU A 157 -8.42 -7.67 10.61
CA LEU A 157 -8.22 -9.02 11.13
C LEU A 157 -9.14 -9.33 12.30
N ARG A 158 -9.36 -8.38 13.18
CA ARG A 158 -10.23 -8.65 14.29
C ARG A 158 -11.66 -8.95 13.84
N LEU A 159 -12.12 -8.30 12.79
CA LEU A 159 -13.44 -8.62 12.27
C LEU A 159 -13.50 -10.02 11.69
N LYS A 160 -12.36 -10.62 11.36
CA LYS A 160 -12.30 -12.01 10.90
C LYS A 160 -12.04 -12.98 12.05
N ASP A 161 -11.62 -12.47 13.22
CA ASP A 161 -11.26 -13.28 14.36
C ASP A 161 -11.47 -12.54 15.69
N GLU A 162 -12.62 -12.78 16.29
CA GLU A 162 -13.01 -12.16 17.54
C GLU A 162 -12.05 -12.50 18.67
N SER A 163 -11.23 -13.53 18.52
CA SER A 163 -10.26 -13.86 19.59
C SER A 163 -9.02 -12.97 19.56
N LEU A 164 -8.86 -12.16 18.52
CA LEU A 164 -7.66 -11.30 18.37
C LEU A 164 -7.76 -10.13 19.35
N PRO A 165 -6.90 -10.08 20.38
CA PRO A 165 -7.13 -9.12 21.46
C PRO A 165 -6.59 -7.70 21.21
N VAL A 166 -6.98 -7.12 20.08
CA VAL A 166 -6.45 -5.81 19.66
C VAL A 166 -7.43 -4.65 19.86
N ASP A 167 -8.53 -4.86 20.59
CA ASP A 167 -9.48 -3.76 20.76
C ASP A 167 -8.86 -2.59 21.50
N GLY A 168 -8.04 -2.84 22.52
CA GLY A 168 -7.43 -1.73 23.25
C GLY A 168 -6.56 -0.88 22.34
N LEU A 169 -5.79 -1.54 21.47
CA LEU A 169 -4.91 -0.81 20.55
C LEU A 169 -5.73 -0.03 19.52
N ILE A 170 -6.76 -0.68 18.97
CA ILE A 170 -7.68 -0.05 18.00
C ILE A 170 -8.32 1.17 18.63
N GLN A 171 -8.85 1.03 19.84
CA GLN A 171 -9.53 2.21 20.44
C GLN A 171 -8.57 3.36 20.68
N ASN A 172 -7.35 3.05 21.10
CA ASN A 172 -6.35 4.09 21.34
C ASN A 172 -5.96 4.80 20.05
N TYR A 173 -5.66 4.02 19.03
CA TYR A 173 -5.30 4.57 17.75
C TYR A 173 -6.43 5.42 17.18
N PHE A 174 -7.62 4.87 17.23
CA PHE A 174 -8.76 5.59 16.60
C PHE A 174 -9.18 6.81 17.39
N ASP A 175 -9.08 6.76 18.70
CA ASP A 175 -9.35 7.96 19.48
C ASP A 175 -8.43 9.08 19.01
N PHE A 176 -7.14 8.75 18.83
CA PHE A 176 -6.22 9.77 18.27
C PHE A 176 -6.69 10.30 16.90
N ILE A 177 -6.95 9.39 15.98
CA ILE A 177 -7.33 9.76 14.62
C ILE A 177 -8.53 10.67 14.61
N ILE A 178 -9.59 10.25 15.30
CA ILE A 178 -10.88 10.90 15.13
C ILE A 178 -11.08 12.09 16.02
N ASN A 179 -10.42 12.11 17.16
CA ASN A 179 -10.57 13.18 18.12
C ASN A 179 -9.38 14.12 18.35
N LYS A 180 -8.16 13.67 18.11
CA LYS A 180 -6.98 14.44 18.41
C LYS A 180 -6.22 15.00 17.22
N GLU A 181 -6.19 14.26 16.13
N GLU A 181 -6.16 14.27 16.12
CA GLU A 181 -5.48 14.71 14.93
CA GLU A 181 -5.39 14.75 14.99
C GLU A 181 -5.92 16.11 14.50
C GLU A 181 -5.90 16.11 14.52
N TYR A 182 -4.95 16.97 14.15
CA TYR A 182 -5.22 18.30 13.66
C TYR A 182 -5.99 18.24 12.33
N ARG A 183 -6.92 19.18 12.19
CA ARG A 183 -7.75 19.28 10.98
C ARG A 183 -7.88 20.73 10.57
N LEU A 184 -8.18 20.94 9.29
CA LEU A 184 -8.58 22.24 8.78
C LEU A 184 -9.92 22.62 9.39
N ALA A 185 -10.38 23.85 9.17
CA ALA A 185 -11.66 24.31 9.73
C ALA A 185 -12.82 23.40 9.30
N ASP A 186 -12.75 22.93 8.05
CA ASP A 186 -13.77 22.07 7.50
C ASP A 186 -13.64 20.60 7.90
N GLY A 187 -12.69 20.27 8.75
CA GLY A 187 -12.58 18.91 9.30
C GLY A 187 -11.56 18.06 8.58
N THR A 188 -11.05 18.50 7.44
CA THR A 188 -10.08 17.70 6.67
C THR A 188 -8.78 17.44 7.48
N PHE A 189 -8.38 16.18 7.57
CA PHE A 189 -7.11 15.85 8.26
C PHE A 189 -6.00 16.70 7.64
N ALA A 190 -5.20 17.38 8.48
CA ALA A 190 -4.17 18.33 8.04
C ALA A 190 -2.95 18.25 8.94
N ARG A 191 -1.92 18.99 8.53
CA ARG A 191 -0.68 19.13 9.30
C ARG A 191 -0.31 20.58 9.38
N ASN A 192 0.54 20.91 10.34
CA ASN A 192 1.13 22.25 10.42
C ASN A 192 2.63 22.20 10.04
N ARG A 193 3.03 21.13 9.35
CA ARG A 193 4.34 21.04 8.75
C ARG A 193 4.17 20.63 7.33
N PRO A 194 5.01 21.15 6.43
CA PRO A 194 6.07 22.17 6.67
C PRO A 194 5.57 23.59 6.82
N GLN A 195 4.26 23.79 6.65
CA GLN A 195 3.62 25.08 6.72
C GLN A 195 2.31 24.88 7.49
N ARG A 196 1.78 25.98 8.00
N ARG A 196 1.76 25.99 7.98
CA ARG A 196 0.45 25.95 8.64
CA ARG A 196 0.45 25.98 8.65
C ARG A 196 -0.59 25.43 7.66
C ARG A 196 -0.61 25.49 7.68
N ASN A 197 -1.54 24.67 8.19
CA ASN A 197 -2.70 24.23 7.43
C ASN A 197 -2.33 23.68 6.06
N THR A 198 -1.48 22.66 6.12
CA THR A 198 -1.04 21.93 4.91
C THR A 198 -1.73 20.59 4.83
N LEU A 199 -2.23 20.28 3.63
CA LEU A 199 -2.72 18.97 3.33
C LEU A 199 -1.60 18.19 2.64
N TRP A 200 -1.42 16.95 3.09
CA TRP A 200 -0.51 15.96 2.50
C TRP A 200 -1.34 14.91 1.83
N LEU A 201 -1.03 14.65 0.57
CA LEU A 201 -1.75 13.61 -0.18
C LEU A 201 -1.69 12.29 0.59
N ASP A 202 -0.55 12.01 1.25
CA ASP A 202 -0.36 10.78 1.99
C ASP A 202 -1.46 10.57 3.01
N ASP A 203 -2.03 11.66 3.52
CA ASP A 203 -3.00 11.52 4.65
C ASP A 203 -4.35 11.02 4.19
N PHE A 205 -4.54 8.30 2.74
CA PHE A 205 -4.30 6.89 3.08
C PHE A 205 -4.01 6.72 4.54
N GLY A 207 -5.34 8.37 6.98
CA GLY A 207 -6.59 8.58 7.72
C GLY A 207 -7.87 7.90 7.26
N ILE A 208 -8.11 7.83 5.95
CA ILE A 208 -9.45 7.45 5.46
C ILE A 208 -9.76 5.97 5.64
N PRO A 209 -8.82 5.05 5.29
CA PRO A 209 -9.13 3.62 5.50
C PRO A 209 -9.51 3.24 6.93
N ALA A 210 -8.85 3.86 7.92
CA ALA A 210 -9.17 3.58 9.32
C ALA A 210 -10.62 3.97 9.63
N VAL A 211 -11.00 5.15 9.16
CA VAL A 211 -12.37 5.64 9.37
C VAL A 211 -13.35 4.71 8.66
N ALA A 212 -13.09 4.35 7.39
CA ALA A 212 -13.93 3.39 6.66
C ALA A 212 -14.05 2.04 7.40
N GLN A 213 -12.95 1.51 7.90
CA GLN A 213 -13.00 0.24 8.62
C GLN A 213 -13.72 0.36 9.94
N SER A 215 -16.23 2.04 10.52
CA SER A 215 -17.67 1.94 10.26
C SER A 215 -18.14 0.50 10.33
N ARG A 216 -17.25 -0.46 10.07
CA ARG A 216 -17.55 -1.88 10.13
C ARG A 216 -17.38 -2.44 11.55
N TYR A 217 -16.54 -1.78 12.33
CA TYR A 217 -16.14 -2.28 13.66
C TYR A 217 -17.02 -1.78 14.78
N ASP A 218 -17.46 -0.54 14.66
CA ASP A 218 -18.37 0.05 15.63
C ASP A 218 -19.77 0.13 14.99
N LYS A 219 -20.59 -0.86 15.29
CA LYS A 219 -21.96 -1.00 14.76
C LYS A 219 -22.80 0.28 14.95
N GLU A 220 -22.67 0.85 16.13
CA GLU A 220 -23.37 2.08 16.49
C GLU A 220 -23.02 3.29 15.64
N ALA A 221 -21.82 3.34 15.08
CA ALA A 221 -21.31 4.51 14.39
C ALA A 221 -21.10 4.25 12.90
N LYS A 222 -21.71 3.20 12.36
CA LYS A 222 -21.51 2.86 10.95
C LYS A 222 -21.81 4.03 10.05
N ASN A 223 -23.01 4.60 10.17
CA ASN A 223 -23.34 5.70 9.26
C ASN A 223 -22.45 6.91 9.45
N LYS A 224 -22.14 7.23 10.69
CA LYS A 224 -21.31 8.36 11.01
C LYS A 224 -19.90 8.23 10.37
N TYR A 225 -19.33 7.03 10.45
CA TYR A 225 -17.98 6.82 9.92
C TYR A 225 -17.96 6.69 8.39
N LEU A 226 -18.98 6.07 7.81
CA LEU A 226 -19.09 6.10 6.34
C LEU A 226 -19.13 7.53 5.83
N ALA A 227 -19.92 8.38 6.48
CA ALA A 227 -20.03 9.74 6.03
C ALA A 227 -18.75 10.50 6.21
N GLU A 228 -18.06 10.30 7.34
CA GLU A 228 -16.78 11.01 7.57
C GLU A 228 -15.72 10.55 6.61
N ALA A 229 -15.65 9.25 6.34
CA ALA A 229 -14.69 8.74 5.34
C ALA A 229 -14.88 9.38 3.97
N VAL A 230 -16.13 9.45 3.53
CA VAL A 230 -16.46 10.11 2.25
C VAL A 230 -16.15 11.62 2.26
N LYS A 231 -16.52 12.29 3.34
CA LYS A 231 -16.27 13.71 3.48
C LYS A 231 -14.80 14.02 3.38
N GLN A 232 -13.97 13.26 4.09
CA GLN A 232 -12.52 13.42 3.94
C GLN A 232 -12.11 13.22 2.51
N PHE A 233 -12.55 12.12 1.93
CA PHE A 233 -12.11 11.83 0.55
C PHE A 233 -12.38 13.00 -0.35
N LEU A 234 -13.60 13.53 -0.31
CA LEU A 234 -13.98 14.55 -1.27
C LEU A 234 -13.37 15.91 -0.95
N GLN A 235 -13.17 16.18 0.32
CA GLN A 235 -12.54 17.47 0.74
C GLN A 235 -11.05 17.51 0.35
N PHE A 236 -10.35 16.37 0.49
CA PHE A 236 -9.00 16.22 -0.05
C PHE A 236 -9.05 16.35 -1.58
N ALA A 237 -9.86 15.54 -2.23
CA ALA A 237 -9.81 15.48 -3.71
C ALA A 237 -10.14 16.82 -4.36
N ASP A 238 -11.09 17.56 -3.79
N ASP A 238 -11.12 17.54 -3.84
CA ASP A 238 -11.47 18.90 -4.32
CA ASP A 238 -11.52 18.80 -4.46
C ASP A 238 -10.25 19.75 -4.53
C ASP A 238 -10.34 19.84 -4.47
N ARG A 239 -9.40 19.76 -3.52
CA ARG A 239 -8.21 20.60 -3.51
C ARG A 239 -6.98 20.01 -4.21
N PHE A 241 -6.79 17.04 -6.39
CA PHE A 241 -6.90 16.38 -7.72
C PHE A 241 -6.68 17.43 -8.77
N ILE A 242 -6.07 17.04 -9.89
CA ILE A 242 -5.76 17.94 -11.01
C ILE A 242 -6.48 17.33 -12.23
N PRO A 243 -7.73 17.71 -12.46
CA PRO A 243 -8.52 17.08 -13.54
C PRO A 243 -7.90 17.11 -14.91
N GLU A 244 -7.13 18.14 -15.20
CA GLU A 244 -6.46 18.28 -16.50
C GLU A 244 -5.41 17.18 -16.71
N LYS A 245 -4.83 16.66 -15.63
CA LYS A 245 -3.81 15.61 -15.68
C LYS A 245 -4.34 14.25 -15.27
N GLY A 246 -5.43 14.26 -14.52
CA GLY A 246 -5.88 13.01 -13.91
C GLY A 246 -4.95 12.51 -12.83
N LEU A 247 -4.30 13.43 -12.11
CA LEU A 247 -3.30 13.11 -11.09
C LEU A 247 -3.55 14.02 -9.90
N TYR A 248 -2.94 13.67 -8.79
CA TYR A 248 -2.97 14.44 -7.58
C TYR A 248 -1.66 15.14 -7.31
N ARG A 249 -1.75 16.37 -6.79
CA ARG A 249 -0.58 17.02 -6.22
C ARG A 249 -0.20 16.40 -4.85
N HIS A 250 1.09 16.35 -4.53
CA HIS A 250 1.54 15.83 -3.23
C HIS A 250 1.12 16.73 -2.07
N GLY A 251 1.12 18.04 -2.30
CA GLY A 251 0.82 18.95 -1.22
C GLY A 251 -0.05 20.11 -1.58
N TRP A 252 -0.62 20.69 -0.55
CA TRP A 252 -1.55 21.84 -0.69
C TRP A 252 -1.47 22.66 0.58
N VAL A 253 -0.98 23.89 0.46
CA VAL A 253 -0.87 24.81 1.59
C VAL A 253 -1.99 25.83 1.51
N GLU A 254 -2.79 25.90 2.55
CA GLU A 254 -4.03 26.70 2.48
C GLU A 254 -3.79 28.14 2.16
N SER A 255 -2.73 28.74 2.72
CA SER A 255 -2.49 30.17 2.50
C SER A 255 -1.98 30.53 1.12
N SER A 256 -1.44 29.56 0.41
CA SER A 256 -0.82 29.86 -0.88
C SER A 256 -1.84 30.22 -1.97
N THR A 257 -1.52 31.24 -2.76
CA THR A 257 -2.45 31.72 -3.76
C THR A 257 -2.38 30.89 -5.04
N ASP A 258 -1.30 30.13 -5.24
CA ASP A 258 -1.17 29.13 -6.30
C ASP A 258 -0.75 27.87 -5.58
N HIS A 259 -1.08 26.72 -6.17
CA HIS A 259 -0.81 25.43 -5.56
C HIS A 259 -0.02 24.56 -6.51
N PRO A 260 1.31 24.73 -6.54
CA PRO A 260 2.15 23.95 -7.45
C PRO A 260 2.00 22.45 -7.29
N ALA A 261 2.06 21.73 -8.40
CA ALA A 261 1.81 20.30 -8.42
C ALA A 261 3.12 19.56 -8.59
N PHE A 262 3.48 18.77 -7.61
CA PHE A 262 4.53 17.80 -7.74
C PHE A 262 3.81 16.45 -7.58
N CYS A 263 3.62 15.75 -8.70
CA CYS A 263 2.76 14.54 -8.73
C CYS A 263 3.59 13.33 -8.35
N TRP A 264 4.00 13.31 -7.10
CA TRP A 264 4.89 12.28 -6.58
C TRP A 264 4.21 10.92 -6.64
N ALA A 265 4.89 9.95 -7.22
CA ALA A 265 4.29 8.62 -7.49
C ALA A 265 3.82 7.87 -6.28
N ARG A 266 4.62 7.78 -5.21
CA ARG A 266 4.13 7.00 -4.08
C ARG A 266 2.86 7.60 -3.49
N ALA A 267 2.81 8.91 -3.29
CA ALA A 267 1.62 9.53 -2.68
C ALA A 267 0.45 9.42 -3.64
N ASN A 268 0.69 9.45 -4.96
CA ASN A 268 -0.37 9.18 -5.91
C ASN A 268 -0.84 7.76 -5.75
N GLY A 269 0.07 6.84 -5.44
CA GLY A 269 -0.31 5.48 -5.08
C GLY A 269 -1.18 5.46 -3.84
N TRP A 270 -0.80 6.18 -2.81
CA TRP A 270 -1.61 6.22 -1.61
C TRP A 270 -3.04 6.71 -1.88
N ALA A 271 -3.22 7.67 -2.78
CA ALA A 271 -4.54 8.21 -3.14
C ALA A 271 -5.35 7.16 -3.90
N LEU A 272 -4.69 6.43 -4.79
CA LEU A 272 -5.36 5.35 -5.56
C LEU A 272 -5.79 4.23 -4.63
N LEU A 273 -4.90 3.91 -3.68
CA LEU A 273 -5.14 2.85 -2.69
C LEU A 273 -6.25 3.26 -1.74
N THR A 274 -6.29 4.53 -1.36
CA THR A 274 -7.39 5.03 -0.52
C THR A 274 -8.73 4.83 -1.18
N ALA A 275 -8.83 5.17 -2.46
CA ALA A 275 -10.07 4.92 -3.20
C ALA A 275 -10.46 3.45 -3.17
N CYS A 276 -9.48 2.54 -3.37
CA CYS A 276 -9.76 1.10 -3.27
C CYS A 276 -10.22 0.70 -1.88
N GLU A 277 -9.54 1.18 -0.83
CA GLU A 277 -9.94 0.82 0.52
C GLU A 277 -11.36 1.31 0.87
N LEU A 278 -11.68 2.52 0.42
CA LEU A 278 -13.00 3.12 0.64
C LEU A 278 -14.07 2.42 -0.18
N LEU A 279 -13.79 2.18 -1.45
CA LEU A 279 -14.74 1.47 -2.29
C LEU A 279 -14.98 -0.02 -1.88
N ASP A 280 -14.00 -0.61 -1.18
CA ASP A 280 -14.20 -1.92 -0.59
C ASP A 280 -15.24 -1.89 0.51
N VAL A 281 -15.44 -0.74 1.14
CA VAL A 281 -16.33 -0.66 2.33
C VAL A 281 -17.71 -0.07 1.98
N LEU A 282 -17.75 0.94 1.13
CA LEU A 282 -19.01 1.61 0.84
C LEU A 282 -20.04 0.65 0.26
N PRO A 283 -21.28 0.72 0.76
CA PRO A 283 -22.40 0.03 0.12
C PRO A 283 -22.47 0.44 -1.32
N GLU A 284 -22.93 -0.45 -2.20
CA GLU A 284 -22.93 -0.12 -3.61
C GLU A 284 -23.95 0.96 -3.96
N ASP A 285 -24.93 1.16 -3.06
CA ASP A 285 -25.93 2.21 -3.22
C ASP A 285 -25.67 3.43 -2.33
N TYR A 286 -24.45 3.58 -1.82
CA TYR A 286 -24.15 4.70 -0.96
C TYR A 286 -24.34 5.96 -1.80
N PRO A 287 -25.02 6.98 -1.22
CA PRO A 287 -25.38 8.12 -2.09
C PRO A 287 -24.23 8.91 -2.65
N GLN A 288 -23.10 9.00 -1.94
CA GLN A 288 -21.93 9.66 -2.54
C GLN A 288 -20.94 8.72 -3.29
N ARG A 289 -21.26 7.43 -3.41
CA ARG A 289 -20.36 6.52 -4.09
C ARG A 289 -20.05 6.96 -5.51
N PRO A 290 -21.03 7.45 -6.28
CA PRO A 290 -20.70 7.87 -7.65
C PRO A 290 -19.58 8.90 -7.80
N LYS A 291 -19.52 9.86 -6.88
N LYS A 291 -19.53 9.86 -6.89
CA LYS A 291 -18.48 10.88 -6.88
CA LYS A 291 -18.49 10.88 -6.92
C LYS A 291 -17.12 10.30 -6.56
C LYS A 291 -17.15 10.21 -6.65
N VAL A 292 -17.10 9.35 -5.63
CA VAL A 292 -15.86 8.67 -5.29
C VAL A 292 -15.40 7.81 -6.44
N ASP A 294 -16.14 8.13 -9.67
CA ASP A 294 -15.68 9.04 -10.71
C ASP A 294 -14.24 9.54 -10.47
N TYR A 295 -13.93 9.93 -9.24
CA TYR A 295 -12.57 10.32 -8.90
C TYR A 295 -11.60 9.18 -9.11
N PHE A 296 -11.99 7.98 -8.67
CA PHE A 296 -11.14 6.79 -8.86
C PHE A 296 -10.88 6.50 -10.31
N ARG A 297 -11.94 6.44 -11.09
CA ARG A 297 -11.79 6.20 -12.51
C ARG A 297 -10.96 7.25 -13.26
N ALA A 298 -11.11 8.54 -12.93
CA ALA A 298 -10.32 9.59 -13.54
C ALA A 298 -8.84 9.44 -13.18
N HIS A 299 -8.56 9.05 -11.94
CA HIS A 299 -7.18 8.85 -11.49
C HIS A 299 -6.54 7.65 -12.17
N VAL A 300 -7.32 6.60 -12.34
CA VAL A 300 -6.84 5.42 -13.07
C VAL A 300 -6.38 5.82 -14.48
N ARG A 301 -7.21 6.60 -15.18
N ARG A 301 -7.20 6.61 -15.17
CA ARG A 301 -6.87 7.00 -16.53
CA ARG A 301 -6.86 7.03 -16.51
C ARG A 301 -5.60 7.87 -16.60
C ARG A 301 -5.56 7.81 -16.55
N GLY A 302 -5.44 8.77 -15.63
CA GLY A 302 -4.26 9.66 -15.61
C GLY A 302 -2.98 8.93 -15.27
N VAL A 303 -3.04 8.05 -14.28
CA VAL A 303 -1.88 7.27 -13.87
C VAL A 303 -1.45 6.32 -14.97
N THR A 304 -2.39 5.55 -15.52
CA THR A 304 -2.01 4.49 -16.42
C THR A 304 -1.40 5.03 -17.70
N ALA A 305 -1.86 6.19 -18.14
CA ALA A 305 -1.31 6.81 -19.37
C ALA A 305 0.18 7.09 -19.23
N LEU A 306 0.67 7.22 -17.99
CA LEU A 306 2.07 7.58 -17.78
C LEU A 306 2.98 6.41 -17.39
N GLN A 307 2.49 5.19 -17.54
CA GLN A 307 3.35 4.05 -17.33
C GLN A 307 4.50 4.10 -18.33
N SER A 308 5.72 3.85 -17.85
CA SER A 308 6.89 3.84 -18.73
C SER A 308 6.95 2.58 -19.54
N GLY A 309 7.80 2.61 -20.56
CA GLY A 309 8.11 1.45 -21.36
C GLY A 309 8.74 0.28 -20.63
N GLU A 310 9.19 0.50 -19.39
CA GLU A 310 9.76 -0.52 -18.55
C GLU A 310 8.73 -1.09 -17.59
N GLY A 311 7.51 -0.52 -17.62
CA GLY A 311 6.43 -1.01 -16.75
C GLY A 311 6.33 -0.27 -15.43
N PHE A 312 7.44 0.32 -15.00
CA PHE A 312 7.46 1.16 -13.81
C PHE A 312 6.83 2.51 -14.14
N TRP A 313 6.46 3.22 -13.07
CA TRP A 313 6.12 4.62 -13.15
C TRP A 313 7.27 5.47 -12.57
N HIS A 314 7.29 6.74 -13.03
CA HIS A 314 8.30 7.71 -12.67
C HIS A 314 7.99 8.39 -11.32
N GLN A 315 9.07 8.67 -10.58
CA GLN A 315 9.06 9.32 -9.23
C GLN A 315 8.16 10.56 -9.20
N LEU A 316 8.31 11.41 -10.22
CA LEU A 316 7.28 12.44 -10.52
C LEU A 316 6.59 11.91 -11.77
N LEU A 317 5.29 11.63 -11.67
CA LEU A 317 4.62 10.79 -12.65
C LEU A 317 4.65 11.35 -14.05
N ASP A 318 4.56 12.68 -14.11
CA ASP A 318 4.47 13.41 -15.37
C ASP A 318 5.80 14.00 -15.80
N CYS A 319 6.89 13.47 -15.23
CA CYS A 319 8.26 13.91 -15.56
C CYS A 319 9.02 12.65 -15.97
N ASN A 320 9.10 12.39 -17.29
CA ASN A 320 9.67 11.12 -17.76
C ASN A 320 11.20 11.03 -17.66
N ASP A 321 11.81 12.10 -17.15
CA ASP A 321 13.23 12.15 -16.86
C ASP A 321 13.53 11.93 -15.39
N SER A 322 12.52 11.61 -14.61
CA SER A 322 12.71 11.30 -13.20
C SER A 322 12.81 9.78 -13.05
N TYR A 323 13.43 9.32 -11.98
CA TYR A 323 13.71 7.88 -11.88
C TYR A 323 12.48 7.01 -11.77
N LEU A 324 12.63 5.75 -12.21
CA LEU A 324 11.57 4.76 -12.10
C LEU A 324 11.56 4.23 -10.67
N GLU A 325 10.42 4.25 -10.03
CA GLU A 325 10.32 3.92 -8.59
C GLU A 325 9.41 2.73 -8.32
N THR A 326 9.91 1.85 -7.48
CA THR A 326 9.31 0.53 -7.31
C THR A 326 8.07 0.53 -6.45
N SER A 327 8.10 1.23 -5.29
CA SER A 327 6.96 1.11 -4.38
C SER A 327 5.66 1.63 -5.00
N ALA A 328 5.73 2.77 -5.67
CA ALA A 328 4.55 3.31 -6.34
C ALA A 328 4.06 2.36 -7.39
N THR A 329 4.99 1.81 -8.16
CA THR A 329 4.66 0.85 -9.20
C THR A 329 3.90 -0.31 -8.64
N ALA A 330 4.36 -0.84 -7.51
CA ALA A 330 3.67 -1.96 -6.87
C ALA A 330 2.24 -1.58 -6.42
N ILE A 331 2.13 -0.43 -5.78
CA ILE A 331 0.82 0.09 -5.37
C ILE A 331 -0.14 0.16 -6.58
N TYR A 332 0.30 0.72 -7.70
CA TYR A 332 -0.55 0.80 -8.87
C TYR A 332 -0.96 -0.56 -9.36
N VAL A 333 -0.02 -1.48 -9.39
CA VAL A 333 -0.36 -2.87 -9.83
C VAL A 333 -1.46 -3.44 -8.93
N TYR A 334 -1.32 -3.29 -7.62
CA TYR A 334 -2.35 -3.77 -6.71
C TYR A 334 -3.68 -3.11 -7.08
N CYS A 335 -3.68 -1.78 -7.15
CA CYS A 335 -4.93 -1.10 -7.38
C CYS A 335 -5.62 -1.52 -8.65
N LEU A 336 -4.83 -1.67 -9.71
CA LEU A 336 -5.40 -2.01 -11.01
C LEU A 336 -5.93 -3.42 -11.02
N ALA A 337 -5.17 -4.38 -10.48
CA ALA A 337 -5.65 -5.78 -10.44
C ALA A 337 -6.92 -5.86 -9.58
N HIS A 338 -6.92 -5.14 -8.46
CA HIS A 338 -8.07 -5.15 -7.54
C HIS A 338 -9.34 -4.61 -8.23
N ALA A 339 -9.16 -3.48 -8.92
CA ALA A 339 -10.27 -2.80 -9.60
C ALA A 339 -10.82 -3.69 -10.72
N ILE A 340 -9.94 -4.44 -11.41
CA ILE A 340 -10.42 -5.37 -12.42
C ILE A 340 -11.18 -6.51 -11.74
N ASN A 341 -10.59 -7.07 -10.69
CA ASN A 341 -11.23 -8.15 -9.94
C ASN A 341 -12.58 -7.73 -9.39
N LYS A 342 -12.69 -6.47 -8.95
CA LYS A 342 -13.96 -5.95 -8.39
C LYS A 342 -14.99 -5.54 -9.41
N GLY A 343 -14.62 -5.49 -10.68
CA GLY A 343 -15.52 -5.06 -11.73
C GLY A 343 -15.58 -3.55 -11.89
N TRP A 344 -14.64 -2.81 -11.30
CA TRP A 344 -14.65 -1.34 -11.38
C TRP A 344 -14.05 -0.77 -12.66
N ILE A 345 -13.07 -1.48 -13.22
CA ILE A 345 -12.43 -1.08 -14.48
C ILE A 345 -12.29 -2.28 -15.40
N ASP A 346 -12.07 -1.97 -16.66
CA ASP A 346 -12.08 -2.93 -17.72
C ASP A 346 -10.86 -3.82 -17.80
N ALA A 347 -11.09 -5.12 -17.91
CA ALA A 347 -9.99 -6.09 -17.95
C ALA A 347 -9.16 -6.01 -19.23
N ILE A 348 -9.83 -5.83 -20.38
CA ILE A 348 -9.10 -5.82 -21.65
C ILE A 348 -8.16 -4.61 -21.65
N ALA A 349 -8.67 -3.47 -21.17
CA ALA A 349 -7.89 -2.25 -21.17
C ALA A 349 -6.75 -2.23 -20.16
N TYR A 350 -7.00 -2.76 -18.95
CA TYR A 350 -6.05 -2.61 -17.87
C TYR A 350 -5.28 -3.85 -17.44
N GLY A 351 -5.76 -5.06 -17.78
CA GLY A 351 -5.03 -6.25 -17.38
C GLY A 351 -3.58 -6.23 -17.79
N PRO A 352 -3.30 -5.87 -19.05
CA PRO A 352 -1.90 -5.82 -19.50
C PRO A 352 -1.03 -4.78 -18.82
N VAL A 353 -1.65 -3.69 -18.37
CA VAL A 353 -0.98 -2.66 -17.59
C VAL A 353 -0.51 -3.24 -16.26
N ALA A 354 -1.43 -3.90 -15.56
CA ALA A 354 -1.12 -4.53 -14.29
C ALA A 354 -0.07 -5.62 -14.49
N GLN A 355 -0.25 -6.44 -15.52
CA GLN A 355 0.66 -7.55 -15.77
C GLN A 355 2.10 -7.07 -16.02
N LEU A 356 2.26 -6.06 -16.86
CA LEU A 356 3.56 -5.48 -17.17
C LEU A 356 4.14 -4.86 -15.91
N GLY A 357 3.30 -4.15 -15.17
CA GLY A 357 3.78 -3.59 -13.90
C GLY A 357 4.29 -4.63 -12.94
N TRP A 358 3.62 -5.79 -12.87
CA TRP A 358 4.09 -6.90 -12.06
C TRP A 358 5.45 -7.43 -12.55
N HIS A 359 5.61 -7.61 -13.86
CA HIS A 359 6.91 -8.04 -14.39
C HIS A 359 8.01 -7.08 -13.94
N ALA A 360 7.70 -5.79 -13.97
CA ALA A 360 8.62 -4.73 -13.59
C ALA A 360 9.02 -4.91 -12.11
N VAL A 361 8.01 -4.99 -11.27
CA VAL A 361 8.22 -5.13 -9.84
C VAL A 361 8.96 -6.43 -9.45
N ALA A 362 8.55 -7.55 -10.04
CA ALA A 362 9.16 -8.82 -9.72
C ALA A 362 10.67 -8.79 -10.03
N GLY A 363 11.05 -8.06 -11.06
CA GLY A 363 12.46 -7.84 -11.40
C GLY A 363 13.27 -7.09 -10.36
N LYS A 364 12.61 -6.49 -9.39
CA LYS A 364 13.30 -5.75 -8.32
C LYS A 364 13.29 -6.51 -7.00
N ILE A 365 12.77 -7.74 -7.02
CA ILE A 365 12.82 -8.61 -5.83
C ILE A 365 14.12 -9.41 -5.96
N ASN A 366 15.12 -9.06 -5.19
CA ASN A 366 16.44 -9.73 -5.33
C ASN A 366 16.47 -11.14 -4.72
N GLU A 367 17.58 -11.87 -4.86
N GLU A 367 17.60 -11.82 -4.90
CA GLU A 367 17.61 -13.26 -4.41
CA GLU A 367 17.81 -13.19 -4.42
C GLU A 367 17.42 -13.37 -2.91
C GLU A 367 17.42 -13.33 -2.95
N GLU A 368 17.79 -12.32 -2.18
CA GLU A 368 17.58 -12.31 -0.75
C GLU A 368 16.12 -12.09 -0.35
N GLY A 369 15.33 -11.51 -1.26
CA GLY A 369 13.93 -11.19 -0.99
C GLY A 369 13.69 -9.73 -0.68
N GLN A 370 14.75 -8.92 -0.83
CA GLN A 370 14.62 -7.47 -0.67
C GLN A 370 13.96 -6.88 -1.90
N VAL A 371 13.41 -5.70 -1.74
CA VAL A 371 12.77 -4.96 -2.83
C VAL A 371 13.66 -3.76 -3.12
N GLU A 372 14.23 -3.76 -4.31
CA GLU A 372 15.12 -2.68 -4.77
C GLU A 372 14.38 -1.56 -5.48
N GLY A 373 15.02 -0.38 -5.51
CA GLY A 373 14.48 0.77 -6.23
C GLY A 373 13.35 1.53 -5.54
N THR A 374 13.22 1.38 -4.22
CA THR A 374 12.19 2.06 -3.46
C THR A 374 12.71 3.39 -2.89
N CYS A 375 11.96 4.46 -3.15
CA CYS A 375 12.21 5.81 -2.62
C CYS A 375 12.10 5.79 -1.08
N VAL A 376 13.07 6.38 -0.41
CA VAL A 376 13.06 6.43 1.05
C VAL A 376 11.98 7.40 1.58
N GLY A 377 11.82 7.48 2.90
CA GLY A 377 10.82 8.38 3.49
C GLY A 377 11.05 9.75 2.91
N THR A 378 9.96 10.41 2.52
CA THR A 378 10.02 11.68 1.70
C THR A 378 8.89 12.62 2.12
N GLY A 379 9.28 13.84 2.49
CA GLY A 379 8.36 14.89 2.88
C GLY A 379 7.93 15.74 1.68
N ALA A 381 8.03 19.17 -0.78
CA ALA A 381 8.84 20.24 -1.31
C ALA A 381 8.01 21.07 -2.32
N PHE A 382 8.55 22.25 -2.63
CA PHE A 382 8.04 23.07 -3.70
C PHE A 382 9.09 23.35 -4.78
N ASP A 383 9.98 22.38 -4.96
CA ASP A 383 10.94 22.42 -6.07
C ASP A 383 11.13 20.98 -6.55
N PRO A 384 11.46 20.81 -7.84
CA PRO A 384 11.59 19.45 -8.36
C PRO A 384 12.85 18.71 -7.98
N ALA A 385 13.94 19.42 -7.71
CA ALA A 385 15.20 18.73 -7.35
C ALA A 385 15.05 17.82 -6.14
N PHE A 386 14.34 18.27 -5.12
CA PHE A 386 14.07 17.45 -3.95
C PHE A 386 13.49 16.10 -4.36
N TYR A 387 12.47 16.13 -5.21
CA TYR A 387 11.81 14.87 -5.59
C TYR A 387 12.68 14.00 -6.48
N TYR A 388 13.32 14.64 -7.44
CA TYR A 388 14.15 13.88 -8.39
C TYR A 388 15.29 13.12 -7.72
N TYR A 389 15.77 13.64 -6.59
CA TYR A 389 16.98 13.11 -5.96
C TYR A 389 16.72 12.36 -4.67
N ARG A 390 15.48 12.07 -4.37
CA ARG A 390 15.20 11.24 -3.16
C ARG A 390 15.94 9.93 -3.26
N PRO A 391 16.73 9.58 -2.25
CA PRO A 391 17.42 8.30 -2.28
C PRO A 391 16.52 7.08 -2.37
N VAL A 392 17.07 5.98 -2.90
CA VAL A 392 16.43 4.67 -2.87
C VAL A 392 17.27 3.77 -1.98
N ASN A 393 16.61 2.82 -1.30
CA ASN A 393 17.32 1.90 -0.45
C ASN A 393 16.49 0.65 -0.21
N VAL A 394 17.15 -0.51 -0.23
CA VAL A 394 16.49 -1.79 0.08
C VAL A 394 15.80 -1.80 1.41
N TYR A 395 16.28 -1.01 2.35
CA TYR A 395 15.63 -0.96 3.65
C TYR A 395 14.49 0.05 3.80
N ALA A 396 14.16 0.80 2.73
CA ALA A 396 12.94 1.61 2.72
C ALA A 396 11.82 0.62 2.88
N ALA A 397 11.05 0.75 3.96
CA ALA A 397 10.04 -0.24 4.30
C ALA A 397 8.81 -0.20 3.36
N HIS A 398 8.70 0.90 2.63
CA HIS A 398 7.53 1.18 1.80
C HIS A 398 7.37 0.22 0.67
N GLY A 399 8.45 -0.48 0.30
CA GLY A 399 8.33 -1.39 -0.84
C GLY A 399 7.63 -2.70 -0.54
N TYR A 400 7.69 -3.12 0.72
CA TYR A 400 7.37 -4.52 1.05
C TYR A 400 5.88 -4.83 0.98
N GLY A 401 5.06 -4.04 1.68
CA GLY A 401 3.60 -4.20 1.72
C GLY A 401 3.03 -4.20 0.32
N PRO A 402 3.35 -3.16 -0.42
CA PRO A 402 2.84 -3.06 -1.77
C PRO A 402 3.19 -4.21 -2.71
N VAL A 403 4.42 -4.71 -2.66
CA VAL A 403 4.79 -5.83 -3.50
C VAL A 403 3.98 -7.04 -3.10
N LEU A 404 3.86 -7.28 -1.81
CA LEU A 404 3.09 -8.44 -1.34
C LEU A 404 1.63 -8.36 -1.76
N TRP A 405 1.07 -7.18 -1.59
CA TRP A 405 -0.35 -6.94 -1.87
C TRP A 405 -0.60 -7.04 -3.38
N ALA A 406 0.27 -6.43 -4.17
CA ALA A 406 0.18 -6.56 -5.63
C ALA A 406 0.24 -8.01 -6.13
N GLY A 407 1.18 -8.76 -5.57
CA GLY A 407 1.34 -10.17 -5.91
C GLY A 407 0.10 -10.94 -5.56
N ALA A 408 -0.38 -10.73 -4.34
CA ALA A 408 -1.61 -11.40 -3.91
C ALA A 408 -2.76 -11.16 -4.86
N GLU A 409 -2.91 -9.92 -5.30
CA GLU A 409 -4.02 -9.54 -6.16
C GLU A 409 -3.80 -10.00 -7.59
N ILE A 411 -2.36 -12.80 -8.29
CA ILE A 411 -2.73 -14.23 -8.27
C ILE A 411 -4.24 -14.39 -8.48
N ARG A 412 -5.04 -13.59 -7.77
N ARG A 412 -5.06 -13.60 -7.79
CA ARG A 412 -6.50 -13.59 -7.97
CA ARG A 412 -6.51 -13.68 -8.00
C ARG A 412 -6.83 -13.31 -9.43
C ARG A 412 -6.90 -13.27 -9.42
N LEU A 413 -6.25 -12.23 -9.95
CA LEU A 413 -6.52 -11.83 -11.35
C LEU A 413 -6.18 -12.94 -12.34
N LEU A 414 -5.00 -13.53 -12.18
CA LEU A 414 -4.58 -14.62 -13.07
C LEU A 414 -5.43 -15.90 -12.92
N ASN A 415 -5.98 -16.10 -11.74
CA ASN A 415 -6.88 -17.23 -11.49
C ASN A 415 -8.34 -17.02 -11.91
N THR A 416 -8.67 -15.81 -12.32
N THR A 416 -8.67 -15.81 -12.34
CA THR A 416 -10.02 -15.47 -12.74
CA THR A 416 -10.04 -15.48 -12.70
C THR A 416 -10.02 -15.23 -14.25
C THR A 416 -10.18 -14.94 -14.14
N GLN A 417 -9.12 -14.36 -14.70
CA GLN A 417 -9.05 -14.00 -16.11
C GLN A 417 -8.25 -15.07 -16.85
N HIS A 418 -8.23 -14.96 -18.18
CA HIS A 418 -7.45 -15.88 -19.02
C HIS A 418 -6.55 -15.16 -20.01
N PRO A 419 -5.57 -14.43 -19.52
CA PRO A 419 -4.69 -13.72 -20.43
C PRO A 419 -3.88 -14.66 -21.28
N GLN A 420 -3.48 -14.19 -22.46
CA GLN A 420 -2.78 -14.96 -23.43
C GLN A 420 -2.07 -14.03 -24.41
N ASN A 422 -1.06 -12.67 -27.88
CA ASN A 422 -1.69 -12.58 -29.18
C ASN A 422 -0.89 -11.57 -29.98
N ASP A 423 -0.29 -12.01 -31.10
CA ASP A 423 0.52 -11.06 -31.90
C ASP A 423 1.62 -10.41 -31.05
N SER A 424 2.21 -11.18 -30.11
CA SER A 424 3.35 -10.79 -29.31
C SER A 424 3.02 -9.82 -28.20
N ALA A 425 1.73 -9.56 -27.98
CA ALA A 425 1.26 -8.66 -26.90
C ALA A 425 0.41 -9.44 -25.90
N VAL A 426 0.53 -9.08 -24.62
CA VAL A 426 -0.34 -9.64 -23.59
C VAL A 426 -1.76 -9.14 -23.83
N GLN A 427 -2.73 -10.06 -23.96
CA GLN A 427 -4.13 -9.71 -24.06
C GLN A 427 -4.94 -10.43 -23.01
N TYR A 428 -5.92 -9.74 -22.44
CA TYR A 428 -6.79 -10.32 -21.42
C TYR A 428 -8.07 -10.85 -22.02
N TYR A 429 -8.40 -12.10 -21.68
CA TYR A 429 -9.62 -12.75 -22.18
C TYR A 429 -10.43 -13.22 -20.98
N GLN A 430 -11.74 -13.07 -21.02
CA GLN A 430 -12.57 -13.41 -19.90
C GLN A 430 -12.96 -14.89 -19.95
N GLU A 431 -12.92 -15.49 -21.14
CA GLU A 431 -13.06 -16.93 -21.34
C GLU A 431 -11.76 -17.48 -21.93
N LYS A 432 -11.34 -18.67 -21.51
CA LYS A 432 -10.13 -19.26 -22.07
C LYS A 432 -10.26 -19.49 -23.59
N GLN A 433 -9.31 -18.98 -24.35
CA GLN A 433 -9.32 -19.10 -25.79
C GLN A 433 -8.80 -20.48 -26.13
N LYS A 434 -9.47 -21.15 -27.04
CA LYS A 434 -9.12 -22.55 -27.30
C LYS A 434 -8.16 -22.62 -28.48
N THR A 435 -6.97 -22.09 -28.26
CA THR A 435 -5.96 -22.00 -29.30
C THR A 435 -4.58 -21.76 -28.68
N THR A 436 -3.58 -22.23 -29.41
CA THR A 436 -2.19 -22.03 -29.12
C THR A 436 -1.55 -21.24 -30.28
N ALA A 437 -2.36 -20.78 -31.23
CA ALA A 437 -1.85 -19.98 -32.34
C ALA A 437 -1.29 -18.67 -31.77
N PRO A 438 -0.13 -18.23 -32.26
CA PRO A 438 0.44 -16.96 -31.78
C PRO A 438 -0.40 -15.74 -32.04
N ILE A 439 -1.18 -15.76 -33.12
CA ILE A 439 -2.03 -14.64 -33.54
C ILE A 439 -3.41 -15.29 -33.80
N PHE A 440 -4.47 -14.71 -33.26
CA PHE A 440 -5.79 -15.26 -33.43
C PHE A 440 -6.91 -14.24 -33.18
N ALA A 441 -8.05 -14.54 -33.79
CA ALA A 441 -9.29 -13.82 -33.61
C ALA A 441 -10.11 -14.56 -32.57
N VAL A 442 -10.86 -13.80 -31.78
CA VAL A 442 -11.78 -14.35 -30.79
C VAL A 442 -13.03 -14.92 -31.54
N ASP A 443 -13.38 -16.16 -31.24
CA ASP A 443 -14.59 -16.79 -31.86
C ASP A 443 -15.95 -16.10 -31.52
N SER A 444 -16.94 -16.30 -32.40
CA SER A 444 -18.33 -15.81 -32.20
C SER A 444 -19.11 -16.81 -31.33
#